data_8GXE
#
_entry.id   8GXE
#
_cell.length_a   72.313
_cell.length_b   228.246
_cell.length_c   117.050
_cell.angle_alpha   90.000
_cell.angle_beta   90.000
_cell.angle_gamma   90.000
#
_symmetry.space_group_name_H-M   'C 2 2 21'
#
loop_
_entity.id
_entity.type
_entity.pdbx_description
1 polymer 'Tyrosine-protein phosphatase non-receptor type 21'
2 polymer 'Tyrosine-protein phosphatase non-receptor type 21'
3 non-polymer 'CHLORIDE ION'
4 water water
#
loop_
_entity_poly.entity_id
_entity_poly.type
_entity_poly.pdbx_seq_one_letter_code
_entity_poly.pdbx_strand_id
1 'polypeptide(L)'
;ATNDERCKILEQRLEQGMVFTEYERILKKRLVDGECSTARLPENAERNRFQDVLPYDDVRVELVPTKENNTGYINASHIK
VSVSGIEWDYIATQGPLQNTCQDFWQMVWEQGIAIIAMVTAEEEGGREKSFRYWPRLGSRHNTVTYGRFKITTRFRTDSG
CYATTGLKMKHLLTGQERTVWHLQYTDWPEHGCPEDLKGFLSYLEEIQSVRRHTNSTSDPQSPNPPLLVHSSAGVGRTGV
VILSEIMIACLEHNEVLDIPRVLDMLRQQRMMLVQTLCQYTFVYRVLIQFLKSSRLI
;
A
2 'polypeptide(L)'
;SSKSCLVARIQLLNNEFVEFTLSVESTGQESLEAVAQRLELREVTYFSLWYYNKQNQRRWVDLEKPLKKQLDKYALEPTV
YFGVVFYVPSVSQLQQEITRYQYYLQLKKDILEGSIPCTLEQAIQLAGLAVQADFGDFDQYESQDFLQKFALFPVGWLQD
EKVLEEATQKVALLHQKYRGLTAPDAEMLYMQEVERMDGYGEESYPAKDSQGSDISIGACLEGIFVKHKNGRHPVVFRWH
DIANMSHNKSFFALELANKEETIQFQTEDMETAKYIWRLCVARHKFYRLNQ
;
B
#
loop_
_chem_comp.id
_chem_comp.type
_chem_comp.name
_chem_comp.formula
CL non-polymer 'CHLORIDE ION' 'Cl -1'
#
# COMPACT_ATOMS: atom_id res chain seq x y z
N ALA A 1 -24.79 -20.23 9.78
CA ALA A 1 -23.39 -20.63 9.90
C ALA A 1 -22.66 -20.48 8.57
N THR A 2 -23.27 -20.99 7.51
CA THR A 2 -22.69 -20.90 6.18
C THR A 2 -22.67 -19.46 5.70
N ASN A 3 -21.60 -19.07 4.99
CA ASN A 3 -21.54 -17.75 4.39
C ASN A 3 -22.68 -17.56 3.38
N ASP A 4 -23.00 -18.61 2.63
CA ASP A 4 -24.11 -18.54 1.69
C ASP A 4 -25.46 -18.56 2.37
N GLU A 5 -25.55 -19.11 3.59
CA GLU A 5 -26.80 -19.11 4.32
C GLU A 5 -26.97 -17.87 5.20
N ARG A 6 -25.87 -17.30 5.69
CA ARG A 6 -25.94 -15.98 6.30
C ARG A 6 -26.41 -14.95 5.28
N CYS A 7 -26.01 -15.14 4.02
CA CYS A 7 -26.44 -14.23 2.97
C CYS A 7 -27.95 -14.29 2.75
N LYS A 8 -28.51 -15.50 2.82
CA LYS A 8 -29.94 -15.66 2.56
C LYS A 8 -30.78 -14.92 3.60
N ILE A 9 -30.40 -15.04 4.88
CA ILE A 9 -31.14 -14.35 5.93
C ILE A 9 -31.14 -12.84 5.69
N LEU A 10 -30.00 -12.29 5.29
CA LEU A 10 -29.94 -10.87 4.96
C LEU A 10 -30.80 -10.57 3.74
N GLU A 11 -30.69 -11.39 2.69
CA GLU A 11 -31.52 -11.20 1.51
C GLU A 11 -33.00 -11.34 1.85
N GLN A 12 -33.34 -12.30 2.71
CA GLN A 12 -34.75 -12.49 3.10
C GLN A 12 -35.26 -11.27 3.85
N ARG A 13 -34.48 -10.74 4.80
CA ARG A 13 -34.90 -9.56 5.53
C ARG A 13 -35.10 -8.37 4.59
N LEU A 14 -34.24 -8.26 3.58
CA LEU A 14 -34.40 -7.21 2.58
C LEU A 14 -35.64 -7.45 1.72
N GLU A 15 -35.82 -8.68 1.25
CA GLU A 15 -36.93 -8.99 0.36
C GLU A 15 -38.26 -8.86 1.07
N GLN A 16 -38.36 -9.38 2.30
CA GLN A 16 -39.60 -9.29 3.05
C GLN A 16 -39.88 -7.89 3.59
N GLY A 17 -38.96 -6.94 3.39
CA GLY A 17 -39.16 -5.60 3.86
C GLY A 17 -38.92 -5.39 5.33
N MET A 18 -38.21 -6.31 5.99
CA MET A 18 -38.00 -6.19 7.43
C MET A 18 -37.00 -5.09 7.77
N VAL A 19 -36.05 -4.82 6.88
CA VAL A 19 -35.02 -3.82 7.17
C VAL A 19 -35.63 -2.43 7.27
N PHE A 20 -36.76 -2.19 6.58
CA PHE A 20 -37.44 -0.91 6.71
C PHE A 20 -38.13 -0.78 8.05
N THR A 21 -38.69 -1.89 8.56
CA THR A 21 -39.37 -1.86 9.84
C THR A 21 -38.38 -1.74 10.99
N GLU A 22 -37.29 -2.52 10.95
CA GLU A 22 -36.35 -2.51 12.05
C GLU A 22 -35.52 -1.22 12.10
N TYR A 23 -35.37 -0.53 10.96
CA TYR A 23 -34.64 0.73 10.96
C TYR A 23 -35.45 1.83 11.65
N GLU A 24 -36.77 1.84 11.44
CA GLU A 24 -37.59 2.92 11.97
C GLU A 24 -37.73 2.84 13.48
N ARG A 25 -37.60 1.66 14.07
CA ARG A 25 -37.70 1.52 15.51
C ARG A 25 -36.42 1.87 16.24
N ILE A 26 -35.30 2.01 15.53
CA ILE A 26 -34.07 2.47 16.16
C ILE A 26 -34.17 3.96 16.43
N LEU A 27 -33.78 4.36 17.64
CA LEU A 27 -33.84 5.76 18.02
C LEU A 27 -32.67 6.54 17.43
N LYS A 28 -32.94 7.79 17.03
CA LYS A 28 -31.91 8.57 16.35
C LYS A 28 -30.81 9.01 17.30
N LYS A 29 -31.13 9.26 18.57
CA LYS A 29 -30.15 9.73 19.53
C LYS A 29 -30.40 9.08 20.89
N ARG A 30 -29.62 9.50 21.89
CA ARG A 30 -29.71 8.95 23.27
C ARG A 30 -31.03 9.35 23.93
N LEU A 31 -31.68 8.43 24.62
CA LEU A 31 -32.96 8.73 25.30
C LEU A 31 -32.65 9.59 26.51
N VAL A 32 -31.61 9.23 27.24
CA VAL A 32 -31.16 10.04 28.41
C VAL A 32 -29.66 10.26 28.23
N ASP A 33 -29.09 11.26 28.94
CA ASP A 33 -27.64 11.58 28.89
C ASP A 33 -27.26 12.11 27.51
N GLY A 34 -28.21 12.73 26.81
CA GLY A 34 -27.94 13.20 25.43
C GLY A 34 -27.46 14.63 25.40
N GLU A 35 -27.10 15.19 26.55
CA GLU A 35 -26.72 16.62 26.62
C GLU A 35 -25.47 16.91 25.78
N CYS A 36 -25.49 18.02 25.02
CA CYS A 36 -24.34 18.45 24.20
C CYS A 36 -24.10 19.91 24.57
N SER A 37 -24.12 20.24 25.86
CA SER A 37 -24.01 21.62 26.33
C SER A 37 -22.73 22.29 25.84
N THR A 38 -21.62 21.53 25.79
CA THR A 38 -20.37 22.11 25.32
C THR A 38 -20.45 22.48 23.86
N ALA A 39 -21.06 21.63 23.02
CA ALA A 39 -21.23 21.96 21.62
C ALA A 39 -22.27 23.06 21.42
N ARG A 40 -23.28 23.11 22.29
CA ARG A 40 -24.35 24.10 22.17
C ARG A 40 -23.97 25.47 22.73
N LEU A 41 -22.70 25.68 23.08
CA LEU A 41 -22.28 26.98 23.58
C LEU A 41 -22.22 28.01 22.46
N PRO A 42 -22.50 29.27 22.76
CA PRO A 42 -22.38 30.31 21.73
C PRO A 42 -20.97 30.43 21.16
N GLU A 43 -19.95 30.32 22.01
CA GLU A 43 -18.57 30.41 21.54
C GLU A 43 -18.22 29.27 20.58
N ASN A 44 -18.95 28.17 20.63
CA ASN A 44 -18.66 27.01 19.80
C ASN A 44 -19.57 26.91 18.58
N ALA A 45 -20.57 27.77 18.46
CA ALA A 45 -21.49 27.70 17.32
C ALA A 45 -20.75 27.85 16.00
N GLU A 46 -19.71 28.69 15.98
CA GLU A 46 -18.91 28.89 14.79
C GLU A 46 -18.20 27.61 14.34
N ARG A 47 -18.13 26.61 15.22
CA ARG A 47 -17.34 25.41 14.98
C ARG A 47 -18.18 24.22 14.54
N ASN A 48 -19.47 24.43 14.29
CA ASN A 48 -20.37 23.38 13.83
C ASN A 48 -20.84 23.71 12.42
N ARG A 49 -20.75 22.73 11.52
CA ARG A 49 -21.45 22.86 10.23
C ARG A 49 -22.94 22.99 10.46
N PHE A 50 -23.54 22.00 11.10
CA PHE A 50 -24.96 21.93 11.36
C PHE A 50 -25.18 22.02 12.86
N GLN A 51 -25.98 22.98 13.30
CA GLN A 51 -26.19 23.20 14.72
C GLN A 51 -26.99 22.08 15.39
N ASP A 52 -27.56 21.16 14.62
CA ASP A 52 -28.36 20.07 15.16
C ASP A 52 -27.64 18.73 15.15
N VAL A 53 -26.38 18.68 14.71
CA VAL A 53 -25.59 17.46 14.71
C VAL A 53 -24.37 17.72 15.58
N LEU A 54 -24.42 17.26 16.82
CA LEU A 54 -23.43 17.59 17.83
C LEU A 54 -22.99 16.33 18.56
N PRO A 55 -21.79 16.35 19.13
CA PRO A 55 -21.35 15.23 19.99
C PRO A 55 -21.85 15.36 21.42
N TYR A 56 -21.97 14.21 22.07
CA TYR A 56 -22.28 14.21 23.49
C TYR A 56 -21.06 14.63 24.30
N ASP A 57 -21.32 15.26 25.45
CA ASP A 57 -20.23 15.82 26.25
C ASP A 57 -19.28 14.75 26.76
N ASP A 58 -19.80 13.56 27.06
CA ASP A 58 -18.97 12.52 27.66
C ASP A 58 -18.20 11.68 26.63
N VAL A 59 -18.45 11.88 25.34
CA VAL A 59 -17.74 11.15 24.30
C VAL A 59 -17.14 12.07 23.24
N ARG A 60 -17.25 13.38 23.39
CA ARG A 60 -16.66 14.29 22.41
C ARG A 60 -15.15 14.18 22.45
N VAL A 61 -14.52 14.29 21.28
CA VAL A 61 -13.07 14.40 21.23
C VAL A 61 -12.67 15.72 21.88
N GLU A 62 -11.71 15.66 22.80
CA GLU A 62 -11.48 16.72 23.76
C GLU A 62 -10.06 17.26 23.55
N LEU A 63 -9.96 18.29 22.71
CA LEU A 63 -8.67 18.91 22.43
C LEU A 63 -8.07 19.50 23.70
N VAL A 64 -6.75 19.54 23.75
CA VAL A 64 -6.06 20.25 24.82
C VAL A 64 -6.45 21.72 24.71
N PRO A 65 -7.07 22.29 25.73
CA PRO A 65 -7.64 23.64 25.59
C PRO A 65 -6.56 24.69 25.38
N THR A 66 -6.93 25.73 24.63
CA THR A 66 -6.08 26.89 24.43
C THR A 66 -6.85 28.15 24.78
N LYS A 67 -6.33 29.32 24.39
CA LYS A 67 -7.03 30.57 24.69
C LYS A 67 -7.99 30.98 23.58
N GLU A 68 -7.71 30.61 22.33
CA GLU A 68 -8.67 30.84 21.26
C GLU A 68 -9.86 29.88 21.38
N ASN A 69 -9.60 28.64 21.75
CA ASN A 69 -10.64 27.63 22.00
C ASN A 69 -10.53 27.26 23.47
N ASN A 70 -11.22 28.04 24.32
CA ASN A 70 -11.12 27.86 25.76
C ASN A 70 -11.62 26.50 26.21
N THR A 71 -12.57 25.92 25.49
CA THR A 71 -13.15 24.64 25.84
C THR A 71 -12.49 23.47 25.11
N GLY A 72 -11.50 23.74 24.25
CA GLY A 72 -10.85 22.72 23.47
C GLY A 72 -11.85 21.93 22.66
N TYR A 73 -12.89 22.59 22.19
CA TYR A 73 -14.00 21.92 21.54
C TYR A 73 -13.72 21.67 20.06
N ILE A 74 -14.08 20.48 19.61
CA ILE A 74 -14.17 20.15 18.19
C ILE A 74 -15.39 19.25 18.02
N ASN A 75 -16.10 19.42 16.90
CA ASN A 75 -17.26 18.58 16.60
C ASN A 75 -16.77 17.21 16.15
N ALA A 76 -16.49 16.36 17.14
CA ALA A 76 -16.00 15.01 16.90
C ALA A 76 -16.39 14.13 18.08
N SER A 77 -16.79 12.91 17.78
CA SER A 77 -17.22 11.95 18.80
C SER A 77 -16.28 10.76 18.84
N HIS A 78 -16.00 10.28 20.04
CA HIS A 78 -15.29 9.01 20.21
C HIS A 78 -16.29 7.87 20.03
N ILE A 79 -15.90 6.89 19.22
CA ILE A 79 -16.77 5.74 18.92
C ILE A 79 -15.99 4.49 19.31
N LYS A 80 -16.20 4.02 20.54
CA LYS A 80 -15.65 2.75 21.00
C LYS A 80 -16.78 1.76 21.22
N VAL A 81 -16.66 0.60 20.60
CA VAL A 81 -17.74 -0.38 20.54
C VAL A 81 -17.16 -1.78 20.66
N SER A 82 -17.88 -2.67 21.34
CA SER A 82 -17.42 -4.04 21.57
C SER A 82 -18.57 -5.02 21.33
N VAL A 83 -18.26 -6.12 20.64
CA VAL A 83 -19.20 -7.22 20.43
C VAL A 83 -18.47 -8.53 20.73
N SER A 84 -18.91 -9.23 21.78
CA SER A 84 -18.36 -10.53 22.18
C SER A 84 -16.86 -10.45 22.48
N GLY A 85 -16.38 -9.25 22.84
CA GLY A 85 -14.99 -9.02 23.18
C GLY A 85 -14.21 -8.29 22.11
N ILE A 86 -14.63 -8.41 20.85
CA ILE A 86 -13.97 -7.70 19.76
C ILE A 86 -14.21 -6.20 19.94
N GLU A 87 -13.12 -5.44 20.07
CA GLU A 87 -13.20 -4.01 20.33
C GLU A 87 -12.97 -3.22 19.05
N TRP A 88 -13.49 -1.99 19.05
CA TRP A 88 -13.45 -1.13 17.88
C TRP A 88 -13.22 0.30 18.32
N ASP A 89 -12.32 1.00 17.65
CA ASP A 89 -11.93 2.36 18.03
C ASP A 89 -12.07 3.27 16.83
N TYR A 90 -13.03 4.20 16.90
CA TYR A 90 -13.28 5.17 15.84
C TYR A 90 -13.36 6.57 16.41
N ILE A 91 -13.08 7.55 15.55
CA ILE A 91 -13.39 8.95 15.81
C ILE A 91 -14.16 9.49 14.61
N ALA A 92 -15.39 9.92 14.84
CA ALA A 92 -16.26 10.44 13.78
C ALA A 92 -16.42 11.94 13.95
N THR A 93 -16.21 12.69 12.87
CA THR A 93 -16.28 14.14 12.92
C THR A 93 -16.89 14.66 11.63
N GLN A 94 -17.37 15.90 11.70
CA GLN A 94 -17.84 16.61 10.53
C GLN A 94 -16.65 16.98 9.63
N GLY A 95 -16.97 17.30 8.38
CA GLY A 95 -15.98 17.84 7.47
C GLY A 95 -15.47 19.16 7.99
N PRO A 96 -14.15 19.35 8.00
CA PRO A 96 -13.57 20.55 8.60
C PRO A 96 -14.04 21.82 7.90
N LEU A 97 -14.38 22.82 8.69
CA LEU A 97 -14.59 24.16 8.16
C LEU A 97 -13.25 24.87 7.99
N GLN A 98 -13.29 26.08 7.45
CA GLN A 98 -12.07 26.86 7.31
C GLN A 98 -11.47 27.22 8.67
N ASN A 99 -12.33 27.63 9.61
CA ASN A 99 -11.86 28.03 10.93
C ASN A 99 -11.59 26.86 11.86
N THR A 100 -11.92 25.63 11.45
CA THR A 100 -11.68 24.45 12.27
C THR A 100 -10.63 23.52 11.65
N CYS A 101 -9.94 23.96 10.61
CA CYS A 101 -8.85 23.15 10.07
C CYS A 101 -7.69 23.04 11.06
N GLN A 102 -7.42 24.11 11.80
CA GLN A 102 -6.43 24.02 12.87
C GLN A 102 -6.89 23.05 13.95
N ASP A 103 -8.18 23.11 14.32
CA ASP A 103 -8.71 22.22 15.35
C ASP A 103 -8.70 20.77 14.87
N PHE A 104 -8.94 20.56 13.57
CA PHE A 104 -8.93 19.21 13.01
C PHE A 104 -7.53 18.59 13.12
N TRP A 105 -6.51 19.32 12.67
CA TRP A 105 -5.16 18.79 12.71
C TRP A 105 -4.64 18.71 14.14
N GLN A 106 -5.15 19.54 15.05
CA GLN A 106 -4.83 19.37 16.46
C GLN A 106 -5.32 18.02 16.96
N MET A 107 -6.53 17.62 16.53
CA MET A 107 -7.06 16.33 16.96
C MET A 107 -6.32 15.17 16.32
N VAL A 108 -5.98 15.29 15.03
CA VAL A 108 -5.26 14.22 14.34
C VAL A 108 -3.92 13.97 15.04
N TRP A 109 -3.27 15.03 15.53
CA TRP A 109 -2.01 14.87 16.21
C TRP A 109 -2.18 14.35 17.63
N GLU A 110 -3.06 15.00 18.41
CA GLU A 110 -3.20 14.64 19.82
C GLU A 110 -3.77 13.24 20.01
N GLN A 111 -4.60 12.77 19.08
CA GLN A 111 -5.13 11.42 19.13
C GLN A 111 -4.27 10.42 18.36
N GLY A 112 -3.09 10.82 17.92
CA GLY A 112 -2.18 9.91 17.23
C GLY A 112 -2.76 9.29 15.98
N ILE A 113 -3.63 10.01 15.27
CA ILE A 113 -4.32 9.43 14.12
C ILE A 113 -3.33 9.26 12.97
N ALA A 114 -3.41 8.11 12.31
CA ALA A 114 -2.59 7.82 11.14
C ALA A 114 -3.38 7.57 9.87
N ILE A 115 -4.67 7.29 9.96
CA ILE A 115 -5.52 7.02 8.80
C ILE A 115 -6.74 7.91 8.87
N ILE A 116 -7.05 8.59 7.76
CA ILE A 116 -8.25 9.40 7.63
C ILE A 116 -9.09 8.81 6.51
N ALA A 117 -10.37 8.55 6.80
CA ALA A 117 -11.31 8.01 5.83
C ALA A 117 -12.31 9.11 5.47
N MET A 118 -12.16 9.71 4.29
CA MET A 118 -13.09 10.76 3.81
C MET A 118 -14.11 10.08 2.91
N VAL A 119 -15.40 10.15 3.25
CA VAL A 119 -16.41 9.40 2.46
C VAL A 119 -17.12 10.36 1.50
N THR A 120 -16.58 11.56 1.33
CA THR A 120 -17.30 12.55 0.50
C THR A 120 -16.35 13.41 -0.33
N ALA A 121 -16.82 13.95 -1.46
CA ALA A 121 -16.06 14.93 -2.21
C ALA A 121 -16.01 16.23 -1.41
N GLU A 122 -15.08 17.11 -1.79
CA GLU A 122 -15.00 18.40 -1.12
C GLU A 122 -16.29 19.18 -1.30
N GLU A 123 -16.81 19.23 -2.52
CA GLU A 123 -18.12 19.81 -2.81
C GLU A 123 -18.97 18.77 -3.52
N GLU A 124 -20.27 18.79 -3.22
CA GLU A 124 -21.24 17.95 -3.92
C GLU A 124 -22.50 18.77 -4.13
N GLY A 125 -22.87 18.97 -5.40
CA GLY A 125 -24.01 19.79 -5.72
C GLY A 125 -23.85 21.26 -5.40
N GLY A 126 -22.61 21.76 -5.41
CA GLY A 126 -22.34 23.13 -5.06
C GLY A 126 -22.30 23.41 -3.57
N ARG A 127 -22.65 22.43 -2.73
CA ARG A 127 -22.56 22.58 -1.29
C ARG A 127 -21.22 22.02 -0.80
N GLU A 128 -20.61 22.73 0.15
CA GLU A 128 -19.35 22.29 0.73
C GLU A 128 -19.60 21.16 1.71
N LYS A 129 -18.92 20.02 1.50
CA LYS A 129 -18.96 18.91 2.43
C LYS A 129 -17.75 18.87 3.34
N SER A 130 -16.58 19.29 2.84
CA SER A 130 -15.38 19.43 3.65
C SER A 130 -14.51 20.48 3.01
N PHE A 131 -13.94 21.36 3.84
CA PHE A 131 -12.98 22.32 3.34
C PHE A 131 -11.68 21.62 2.99
N ARG A 132 -10.95 22.17 2.03
CA ARG A 132 -9.69 21.56 1.62
C ARG A 132 -8.65 21.79 2.72
N TYR A 133 -8.47 20.79 3.58
CA TYR A 133 -7.58 20.89 4.74
C TYR A 133 -6.22 20.26 4.50
N TRP A 134 -6.01 19.60 3.37
CA TRP A 134 -4.68 19.13 3.00
C TRP A 134 -4.29 19.74 1.65
N PRO A 135 -3.01 20.06 1.45
CA PRO A 135 -2.59 20.76 0.23
C PRO A 135 -2.83 19.93 -1.01
N ARG A 136 -2.90 20.63 -2.14
CA ARG A 136 -3.13 20.01 -3.44
C ARG A 136 -1.80 19.77 -4.15
N LEU A 137 -1.64 18.55 -4.67
CA LEU A 137 -0.53 18.27 -5.57
C LEU A 137 -0.70 19.07 -6.87
N GLY A 138 0.41 19.27 -7.57
CA GLY A 138 0.42 19.94 -8.85
C GLY A 138 0.58 21.45 -8.80
N SER A 139 0.08 22.09 -7.73
CA SER A 139 0.21 23.53 -7.60
C SER A 139 1.58 23.86 -7.00
N ARG A 140 1.74 25.11 -6.58
CA ARG A 140 3.00 25.51 -5.90
C ARG A 140 2.70 25.49 -4.40
N HIS A 141 1.43 25.54 -4.04
CA HIS A 141 1.04 25.46 -2.60
C HIS A 141 0.88 23.98 -2.20
N ASN A 142 2.00 23.27 -2.08
CA ASN A 142 1.97 21.82 -1.72
C ASN A 142 2.19 21.71 -0.21
N THR A 143 2.09 22.84 0.51
CA THR A 143 2.31 22.82 1.95
C THR A 143 1.41 23.86 2.59
N VAL A 144 0.74 23.48 3.68
CA VAL A 144 -0.10 24.39 4.46
C VAL A 144 0.29 24.27 5.91
N THR A 145 0.05 25.33 6.67
CA THR A 145 0.37 25.40 8.10
C THR A 145 -0.88 25.78 8.87
N TYR A 146 -1.40 24.85 9.66
CA TYR A 146 -2.54 25.09 10.54
C TYR A 146 -2.05 25.05 11.98
N GLY A 147 -2.05 26.19 12.65
CA GLY A 147 -1.56 26.25 14.00
C GLY A 147 -0.08 25.91 14.05
N ARG A 148 0.27 24.83 14.74
CA ARG A 148 1.64 24.40 14.89
C ARG A 148 1.98 23.21 14.00
N PHE A 149 1.12 22.89 13.03
CA PHE A 149 1.30 21.71 12.19
C PHE A 149 1.43 22.13 10.74
N LYS A 150 2.42 21.56 10.06
CA LYS A 150 2.76 21.90 8.68
C LYS A 150 2.59 20.63 7.84
N ILE A 151 1.47 20.55 7.13
CA ILE A 151 1.13 19.35 6.37
C ILE A 151 1.63 19.49 4.94
N THR A 152 2.23 18.41 4.42
CA THR A 152 2.71 18.34 3.05
C THR A 152 2.02 17.17 2.35
N THR A 153 1.57 17.40 1.12
CA THR A 153 1.02 16.33 0.30
C THR A 153 2.17 15.73 -0.51
N ARG A 154 2.36 14.42 -0.40
CA ARG A 154 3.59 13.77 -0.84
C ARG A 154 3.41 12.86 -2.03
N PHE A 155 2.27 12.16 -2.13
CA PHE A 155 1.94 11.42 -3.34
C PHE A 155 0.43 11.21 -3.36
N ARG A 156 -0.08 10.78 -4.51
CA ARG A 156 -1.49 10.48 -4.64
C ARG A 156 -1.67 9.42 -5.73
N THR A 157 -2.33 8.32 -5.38
CA THR A 157 -2.63 7.25 -6.37
C THR A 157 -4.15 7.19 -6.50
N ASP A 158 -4.65 7.07 -7.73
CA ASP A 158 -6.13 7.12 -7.88
C ASP A 158 -6.69 5.77 -8.35
N SER A 159 -7.53 5.14 -7.54
CA SER A 159 -8.26 3.94 -7.99
C SER A 159 -9.60 4.48 -8.50
N GLY A 160 -10.40 3.68 -9.18
CA GLY A 160 -11.62 4.28 -9.73
C GLY A 160 -12.57 4.82 -8.67
N CYS A 161 -12.80 4.07 -7.60
CA CYS A 161 -13.82 4.49 -6.61
C CYS A 161 -13.20 5.28 -5.45
N TYR A 162 -11.88 5.23 -5.29
CA TYR A 162 -11.24 5.89 -4.12
C TYR A 162 -9.89 6.48 -4.50
N ALA A 163 -9.33 7.32 -3.64
CA ALA A 163 -8.03 7.92 -3.93
C ALA A 163 -7.21 7.94 -2.65
N THR A 164 -6.00 7.38 -2.72
CA THR A 164 -5.09 7.31 -1.58
C THR A 164 -4.08 8.46 -1.69
N THR A 165 -4.05 9.30 -0.65
CA THR A 165 -3.12 10.41 -0.58
C THR A 165 -2.24 10.24 0.65
N GLY A 166 -0.92 10.32 0.45
CA GLY A 166 0.03 10.24 1.54
C GLY A 166 0.43 11.64 1.99
N LEU A 167 0.27 11.88 3.29
CA LEU A 167 0.59 13.17 3.87
C LEU A 167 1.67 13.02 4.94
N LYS A 168 2.53 14.03 5.02
CA LYS A 168 3.49 14.17 6.10
C LYS A 168 3.09 15.37 6.94
N MET A 169 3.01 15.17 8.25
CA MET A 169 2.57 16.21 9.18
C MET A 169 3.71 16.50 10.15
N LYS A 170 4.11 17.77 10.23
CA LYS A 170 5.25 18.18 11.01
C LYS A 170 4.82 19.15 12.11
N HIS A 171 5.18 18.83 13.36
CA HIS A 171 4.98 19.72 14.48
C HIS A 171 6.13 20.71 14.51
N LEU A 172 5.86 21.97 14.13
CA LEU A 172 6.93 22.95 13.98
C LEU A 172 7.64 23.23 15.30
N LEU A 173 6.94 23.09 16.42
CA LEU A 173 7.55 23.38 17.72
C LEU A 173 8.50 22.28 18.16
N THR A 174 8.09 21.02 18.00
CA THR A 174 8.92 19.89 18.41
C THR A 174 9.80 19.34 17.30
N GLY A 175 9.41 19.54 16.05
CA GLY A 175 10.12 18.96 14.93
C GLY A 175 9.71 17.55 14.56
N GLN A 176 8.74 16.98 15.27
CA GLN A 176 8.32 15.61 15.02
C GLN A 176 7.53 15.52 13.71
N GLU A 177 7.70 14.41 13.02
CA GLU A 177 6.98 14.13 11.79
C GLU A 177 6.16 12.85 11.95
N ARG A 178 5.11 12.74 11.14
CA ARG A 178 4.23 11.58 11.19
C ARG A 178 3.58 11.41 9.83
N THR A 179 3.72 10.22 9.26
CA THR A 179 3.03 9.90 8.02
C THR A 179 1.55 9.68 8.30
N VAL A 180 0.70 10.29 7.48
CA VAL A 180 -0.75 10.19 7.63
C VAL A 180 -1.34 9.77 6.29
N TRP A 181 -2.04 8.64 6.27
CA TRP A 181 -2.65 8.14 5.04
C TRP A 181 -4.07 8.67 4.93
N HIS A 182 -4.37 9.33 3.81
CA HIS A 182 -5.65 9.99 3.58
C HIS A 182 -6.41 9.20 2.51
N LEU A 183 -7.45 8.48 2.94
CA LEU A 183 -8.25 7.67 2.04
C LEU A 183 -9.58 8.37 1.78
N GLN A 184 -9.86 8.67 0.52
CA GLN A 184 -11.04 9.43 0.14
C GLN A 184 -11.87 8.63 -0.85
N TYR A 185 -13.09 8.29 -0.45
CA TYR A 185 -14.04 7.66 -1.36
C TYR A 185 -14.66 8.72 -2.27
N THR A 186 -14.65 8.45 -3.57
CA THR A 186 -15.08 9.43 -4.57
C THR A 186 -16.23 8.94 -5.46
N ASP A 187 -16.82 7.80 -5.15
CA ASP A 187 -17.87 7.24 -6.01
C ASP A 187 -19.27 7.42 -5.44
N TRP A 188 -19.39 8.02 -4.26
CA TRP A 188 -20.71 8.27 -3.69
C TRP A 188 -21.40 9.37 -4.47
N PRO A 189 -22.60 9.13 -4.99
CA PRO A 189 -23.28 10.15 -5.80
C PRO A 189 -23.74 11.32 -4.97
N GLU A 190 -24.10 12.41 -5.66
CA GLU A 190 -24.58 13.60 -4.98
C GLU A 190 -25.96 13.36 -4.37
N HIS A 191 -26.78 12.52 -4.99
CA HIS A 191 -28.10 12.18 -4.49
C HIS A 191 -28.23 10.68 -4.45
N GLY A 192 -28.52 10.14 -3.27
CA GLY A 192 -28.71 8.70 -3.13
C GLY A 192 -27.52 7.98 -2.55
N CYS A 193 -27.37 6.71 -2.90
CA CYS A 193 -26.31 5.85 -2.41
C CYS A 193 -25.57 5.23 -3.58
N PRO A 194 -24.33 4.79 -3.37
CA PRO A 194 -23.53 4.25 -4.47
C PRO A 194 -24.15 3.01 -5.10
N GLU A 195 -24.04 2.92 -6.43
CA GLU A 195 -24.54 1.75 -7.15
C GLU A 195 -23.49 0.65 -7.19
N ASP A 196 -22.21 1.02 -7.32
CA ASP A 196 -21.11 0.06 -7.40
C ASP A 196 -20.81 -0.46 -6.00
N LEU A 197 -21.51 -1.53 -5.61
CA LEU A 197 -21.28 -2.12 -4.30
C LEU A 197 -19.89 -2.72 -4.20
N LYS A 198 -19.43 -3.38 -5.26
CA LYS A 198 -18.10 -3.97 -5.25
C LYS A 198 -17.01 -2.92 -5.13
N GLY A 199 -17.27 -1.71 -5.64
CA GLY A 199 -16.30 -0.64 -5.51
C GLY A 199 -16.25 -0.05 -4.12
N PHE A 200 -17.41 0.05 -3.46
CA PHE A 200 -17.42 0.52 -2.08
C PHE A 200 -16.79 -0.52 -1.15
N LEU A 201 -16.93 -1.80 -1.47
CA LEU A 201 -16.27 -2.84 -0.70
C LEU A 201 -14.76 -2.72 -0.79
N SER A 202 -14.26 -2.34 -1.97
CA SER A 202 -12.81 -2.16 -2.15
C SER A 202 -12.30 -1.01 -1.30
N TYR A 203 -13.10 0.06 -1.15
CA TYR A 203 -12.70 1.16 -0.29
C TYR A 203 -12.55 0.72 1.16
N LEU A 204 -13.43 -0.18 1.61
CA LEU A 204 -13.30 -0.72 2.96
C LEU A 204 -12.12 -1.67 3.07
N GLU A 205 -11.76 -2.34 1.97
CA GLU A 205 -10.60 -3.22 1.98
C GLU A 205 -9.30 -2.42 2.02
N GLU A 206 -9.27 -1.28 1.32
CA GLU A 206 -8.09 -0.43 1.35
C GLU A 206 -7.87 0.14 2.75
N ILE A 207 -8.96 0.44 3.46
CA ILE A 207 -8.84 0.90 4.85
C ILE A 207 -8.16 -0.14 5.70
N GLN A 208 -8.55 -1.41 5.55
CA GLN A 208 -7.91 -2.48 6.31
C GLN A 208 -6.47 -2.69 5.89
N SER A 209 -6.20 -2.58 4.58
CA SER A 209 -4.83 -2.74 4.09
C SER A 209 -3.92 -1.66 4.63
N VAL A 210 -4.43 -0.42 4.74
CA VAL A 210 -3.66 0.65 5.35
C VAL A 210 -3.59 0.45 6.86
N ARG A 211 -4.66 -0.07 7.46
CA ARG A 211 -4.65 -0.34 8.88
C ARG A 211 -3.61 -1.39 9.24
N ARG A 212 -3.48 -2.43 8.41
CA ARG A 212 -2.48 -3.45 8.66
C ARG A 212 -1.06 -2.93 8.42
N HIS A 213 -0.91 -2.04 7.44
CA HIS A 213 0.42 -1.52 7.11
C HIS A 213 0.96 -0.64 8.23
N THR A 214 0.09 0.17 8.84
CA THR A 214 0.54 1.11 9.86
C THR A 214 0.74 0.45 11.21
N ASN A 215 0.03 -0.65 11.49
CA ASN A 215 0.12 -1.29 12.79
C ASN A 215 1.33 -2.20 12.93
N SER A 216 1.90 -2.65 11.82
CA SER A 216 3.09 -3.51 11.89
C SER A 216 4.30 -2.75 12.43
N THR A 217 4.32 -1.43 12.33
CA THR A 217 5.46 -0.64 12.78
C THR A 217 5.33 -0.18 14.22
N SER A 218 4.12 -0.17 14.78
CA SER A 218 3.88 0.31 16.14
C SER A 218 3.85 -0.90 17.08
N ASP A 219 4.98 -1.14 17.75
CA ASP A 219 5.06 -2.29 18.70
C ASP A 219 4.21 -2.03 19.96
N PRO A 220 4.35 -0.90 20.70
CA PRO A 220 3.46 -0.64 21.84
C PRO A 220 2.06 -0.19 21.37
N PRO A 223 -1.19 0.96 22.27
CA PRO A 223 -2.52 0.74 21.66
C PRO A 223 -2.51 1.15 20.18
N ASN A 224 -3.51 0.73 19.40
CA ASN A 224 -3.52 1.20 18.03
C ASN A 224 -4.52 2.34 17.86
N PRO A 225 -4.14 3.39 17.15
CA PRO A 225 -4.91 4.63 17.19
C PRO A 225 -6.26 4.46 16.50
N PRO A 226 -7.27 5.22 16.91
CA PRO A 226 -8.56 5.14 16.23
C PRO A 226 -8.48 5.71 14.83
N LEU A 227 -9.39 5.26 13.98
CA LEU A 227 -9.44 5.71 12.60
C LEU A 227 -10.48 6.81 12.47
N LEU A 228 -10.16 7.85 11.72
CA LEU A 228 -10.97 9.05 11.61
C LEU A 228 -11.83 8.97 10.36
N VAL A 229 -13.13 8.75 10.54
CA VAL A 229 -14.10 8.83 9.45
C VAL A 229 -14.77 10.20 9.52
N HIS A 230 -14.91 10.86 8.38
CA HIS A 230 -15.61 12.13 8.34
C HIS A 230 -16.40 12.24 7.05
N SER A 231 -17.61 12.78 7.17
CA SER A 231 -18.43 13.14 6.02
C SER A 231 -18.88 14.58 6.27
N SER A 232 -19.98 14.99 5.61
CA SER A 232 -20.45 16.36 5.76
C SER A 232 -20.73 16.70 7.23
N ALA A 233 -21.58 15.91 7.88
CA ALA A 233 -21.83 16.06 9.30
C ALA A 233 -21.24 14.93 10.14
N GLY A 234 -20.53 14.01 9.48
CA GLY A 234 -19.87 12.93 10.23
C GLY A 234 -20.86 11.98 10.86
N VAL A 235 -22.02 11.81 10.23
CA VAL A 235 -23.08 10.93 10.80
C VAL A 235 -23.58 9.91 9.78
N GLY A 236 -24.18 10.33 8.66
CA GLY A 236 -24.80 9.36 7.75
C GLY A 236 -23.88 8.48 6.94
N ARG A 237 -22.93 9.05 6.21
CA ARG A 237 -22.06 8.22 5.33
C ARG A 237 -20.96 7.73 6.25
N THR A 238 -20.70 8.51 7.28
CA THR A 238 -19.73 8.12 8.30
C THR A 238 -20.22 6.87 9.00
N GLY A 239 -21.50 6.85 9.40
CA GLY A 239 -22.05 5.68 10.03
C GLY A 239 -22.08 4.47 9.13
N VAL A 240 -22.29 4.68 7.83
CA VAL A 240 -22.30 3.56 6.89
C VAL A 240 -20.95 2.86 6.87
N VAL A 241 -19.86 3.63 6.85
CA VAL A 241 -18.53 3.04 6.86
C VAL A 241 -18.28 2.28 8.15
N ILE A 242 -18.63 2.90 9.28
CA ILE A 242 -18.36 2.28 10.58
C ILE A 242 -19.22 1.04 10.77
N LEU A 243 -20.51 1.13 10.49
CA LEU A 243 -21.40 -0.02 10.67
C LEU A 243 -21.04 -1.15 9.72
N SER A 244 -20.73 -0.84 8.47
CA SER A 244 -20.35 -1.88 7.51
C SER A 244 -19.10 -2.62 7.99
N GLU A 245 -18.05 -1.87 8.34
CA GLU A 245 -16.79 -2.50 8.73
C GLU A 245 -16.93 -3.33 9.99
N ILE A 246 -17.85 -2.95 10.88
CA ILE A 246 -18.08 -3.73 12.09
C ILE A 246 -18.74 -5.06 11.76
N MET A 247 -19.79 -5.03 10.95
CA MET A 247 -20.52 -6.26 10.63
C MET A 247 -19.69 -7.21 9.78
N ILE A 248 -18.87 -6.67 8.88
CA ILE A 248 -18.03 -7.52 8.05
C ILE A 248 -17.08 -8.35 8.91
N ALA A 249 -16.59 -7.75 10.01
CA ALA A 249 -15.77 -8.51 10.95
C ALA A 249 -16.60 -9.61 11.62
N CYS A 250 -17.84 -9.29 12.01
CA CYS A 250 -18.72 -10.31 12.57
C CYS A 250 -18.98 -11.44 11.59
N LEU A 251 -18.98 -11.13 10.28
CA LEU A 251 -19.06 -12.17 9.28
C LEU A 251 -17.73 -12.91 9.16
N GLU A 252 -16.61 -12.18 9.22
CA GLU A 252 -15.30 -12.80 9.05
C GLU A 252 -15.02 -13.78 10.19
N HIS A 253 -14.92 -13.27 11.41
CA HIS A 253 -14.91 -14.12 12.61
C HIS A 253 -16.36 -14.52 12.86
N ASN A 254 -16.72 -15.75 12.51
CA ASN A 254 -18.11 -16.19 12.56
C ASN A 254 -18.77 -15.82 13.88
N GLU A 255 -19.80 -14.98 13.79
CA GLU A 255 -20.42 -14.35 14.94
C GLU A 255 -21.83 -13.96 14.55
N VAL A 256 -22.76 -14.12 15.49
CA VAL A 256 -24.16 -13.81 15.19
C VAL A 256 -24.28 -12.33 14.81
N LEU A 257 -25.05 -12.07 13.76
CA LEU A 257 -25.23 -10.72 13.23
C LEU A 257 -26.54 -10.16 13.76
N ASP A 258 -26.46 -8.99 14.42
CA ASP A 258 -27.64 -8.29 14.94
C ASP A 258 -27.44 -6.82 14.58
N ILE A 259 -27.71 -6.51 13.30
CA ILE A 259 -27.40 -5.18 12.76
C ILE A 259 -28.06 -4.07 13.56
N PRO A 260 -29.36 -4.12 13.89
CA PRO A 260 -29.94 -3.03 14.68
C PRO A 260 -29.34 -2.87 16.06
N ARG A 261 -28.87 -3.96 16.68
CA ARG A 261 -28.26 -3.84 18.00
C ARG A 261 -26.95 -3.07 17.94
N VAL A 262 -26.14 -3.31 16.90
CA VAL A 262 -24.88 -2.58 16.76
C VAL A 262 -25.16 -1.11 16.45
N LEU A 263 -26.05 -0.85 15.49
CA LEU A 263 -26.35 0.53 15.10
C LEU A 263 -26.94 1.31 16.28
N ASP A 264 -27.77 0.65 17.10
CA ASP A 264 -28.30 1.31 18.28
C ASP A 264 -27.19 1.62 19.29
N MET A 265 -26.18 0.77 19.36
CA MET A 265 -25.02 1.05 20.21
C MET A 265 -24.20 2.20 19.65
N LEU A 266 -24.05 2.26 18.32
CA LEU A 266 -23.30 3.34 17.69
C LEU A 266 -23.97 4.68 17.92
N ARG A 267 -25.31 4.72 17.87
CA ARG A 267 -26.03 5.97 18.06
C ARG A 267 -26.01 6.44 19.50
N GLN A 268 -25.65 5.57 20.46
CA GLN A 268 -25.46 6.00 21.83
C GLN A 268 -24.17 6.77 22.03
N GLN A 269 -23.30 6.80 21.02
CA GLN A 269 -22.05 7.56 21.09
C GLN A 269 -21.99 8.70 20.10
N ARG A 270 -22.74 8.64 18.99
CA ARG A 270 -22.90 9.78 18.10
C ARG A 270 -24.30 9.71 17.50
N MET A 271 -25.06 10.79 17.66
CA MET A 271 -26.43 10.82 17.19
C MET A 271 -26.49 10.63 15.67
N MET A 272 -27.59 10.05 15.21
CA MET A 272 -27.95 9.99 13.79
C MET A 272 -26.97 9.19 12.95
N LEU A 273 -26.14 8.35 13.55
CA LEU A 273 -25.28 7.48 12.77
C LEU A 273 -26.12 6.59 11.86
N VAL A 274 -25.77 6.59 10.57
CA VAL A 274 -26.65 6.09 9.51
C VAL A 274 -27.93 6.90 9.54
N GLN A 275 -28.03 7.90 8.68
CA GLN A 275 -29.03 8.95 8.82
C GLN A 275 -30.32 8.66 8.07
N THR A 276 -30.25 7.99 6.92
CA THR A 276 -31.43 7.77 6.08
C THR A 276 -31.69 6.28 5.91
N LEU A 277 -32.91 5.96 5.48
CA LEU A 277 -33.28 4.57 5.20
C LEU A 277 -32.44 4.02 4.05
N CYS A 278 -32.23 4.81 3.01
CA CYS A 278 -31.36 4.40 1.90
C CYS A 278 -29.99 3.99 2.40
N GLN A 279 -29.42 4.79 3.31
CA GLN A 279 -28.11 4.48 3.87
C GLN A 279 -28.12 3.15 4.61
N TYR A 280 -29.23 2.85 5.29
CA TYR A 280 -29.32 1.62 6.07
C TYR A 280 -29.44 0.40 5.16
N THR A 281 -30.36 0.44 4.19
CA THR A 281 -30.48 -0.66 3.23
C THR A 281 -29.19 -0.82 2.44
N PHE A 282 -28.42 0.25 2.27
CA PHE A 282 -27.11 0.14 1.62
C PHE A 282 -26.18 -0.77 2.39
N VAL A 283 -26.20 -0.69 3.72
CA VAL A 283 -25.38 -1.57 4.54
C VAL A 283 -25.78 -3.02 4.34
N TYR A 284 -27.09 -3.29 4.31
CA TYR A 284 -27.56 -4.64 4.05
C TYR A 284 -27.10 -5.13 2.67
N ARG A 285 -27.18 -4.27 1.65
CA ARG A 285 -26.77 -4.68 0.32
C ARG A 285 -25.26 -4.87 0.23
N VAL A 286 -24.50 -4.04 0.94
CA VAL A 286 -23.05 -4.17 0.93
C VAL A 286 -22.62 -5.46 1.62
N LEU A 287 -23.28 -5.80 2.75
CA LEU A 287 -22.96 -7.04 3.43
C LEU A 287 -23.30 -8.25 2.58
N ILE A 288 -24.43 -8.21 1.87
CA ILE A 288 -24.82 -9.30 0.98
C ILE A 288 -23.78 -9.48 -0.13
N GLN A 289 -23.41 -8.38 -0.79
CA GLN A 289 -22.45 -8.45 -1.88
C GLN A 289 -21.11 -8.98 -1.40
N PHE A 290 -20.68 -8.58 -0.21
CA PHE A 290 -19.43 -9.10 0.34
C PHE A 290 -19.50 -10.61 0.54
N LEU A 291 -20.63 -11.10 1.05
CA LEU A 291 -20.78 -12.53 1.28
C LEU A 291 -20.72 -13.32 -0.02
N LYS A 292 -21.16 -12.70 -1.12
CA LYS A 292 -21.07 -13.37 -2.45
C LYS A 292 -19.68 -13.14 -3.02
N SER A 293 -18.64 -13.28 -2.19
CA SER A 293 -17.24 -13.03 -2.64
C SER A 293 -16.86 -14.02 -3.75
N SER A 294 -17.25 -15.29 -3.59
CA SER A 294 -16.98 -16.32 -4.63
C SER A 294 -18.30 -16.78 -5.24
N LYS B 3 5.54 19.66 -13.98
CA LYS B 3 6.24 20.87 -13.59
C LYS B 3 6.51 20.90 -12.09
N SER B 4 5.44 20.88 -11.30
CA SER B 4 5.53 20.81 -9.85
C SER B 4 5.22 19.42 -9.31
N CYS B 5 4.85 18.48 -10.18
CA CYS B 5 4.58 17.12 -9.78
C CYS B 5 4.86 16.20 -10.97
N LEU B 6 5.15 14.94 -10.67
CA LEU B 6 5.47 13.95 -11.69
C LEU B 6 4.47 12.82 -11.62
N VAL B 7 3.82 12.55 -12.75
CA VAL B 7 2.93 11.39 -12.89
C VAL B 7 3.81 10.22 -13.32
N ALA B 8 4.14 9.36 -12.36
CA ALA B 8 5.00 8.22 -12.61
C ALA B 8 4.20 6.92 -12.51
N ARG B 9 4.63 5.92 -13.28
CA ARG B 9 3.96 4.62 -13.33
C ARG B 9 4.92 3.57 -12.82
N ILE B 10 4.51 2.87 -11.76
CA ILE B 10 5.33 1.84 -11.13
C ILE B 10 4.80 0.48 -11.56
N GLN B 11 5.62 -0.28 -12.29
CA GLN B 11 5.25 -1.61 -12.74
C GLN B 11 5.59 -2.62 -11.65
N LEU B 12 4.55 -3.23 -11.07
CA LEU B 12 4.76 -4.29 -10.10
C LEU B 12 5.37 -5.51 -10.78
N LEU B 13 5.87 -6.44 -9.96
CA LEU B 13 6.50 -7.64 -10.51
C LEU B 13 5.52 -8.53 -11.25
N ASN B 14 4.22 -8.45 -10.93
CA ASN B 14 3.20 -9.16 -11.70
C ASN B 14 2.71 -8.35 -12.90
N ASN B 15 3.50 -7.39 -13.37
CA ASN B 15 3.29 -6.59 -14.57
C ASN B 15 2.12 -5.63 -14.46
N GLU B 16 1.43 -5.57 -13.32
CA GLU B 16 0.40 -4.56 -13.13
C GLU B 16 1.05 -3.18 -12.99
N PHE B 17 0.25 -2.15 -13.25
CA PHE B 17 0.71 -0.77 -13.19
C PHE B 17 -0.01 -0.02 -12.09
N VAL B 18 0.72 0.85 -11.38
CA VAL B 18 0.15 1.79 -10.43
C VAL B 18 0.67 3.17 -10.80
N GLU B 19 -0.24 4.10 -11.07
CA GLU B 19 0.11 5.45 -11.48
C GLU B 19 0.14 6.36 -10.27
N PHE B 20 1.31 6.87 -9.94
CA PHE B 20 1.52 7.74 -8.78
C PHE B 20 1.75 9.18 -9.26
N THR B 21 0.92 10.10 -8.77
CA THR B 21 1.24 11.51 -8.89
C THR B 21 2.15 11.87 -7.72
N LEU B 22 3.37 12.31 -8.03
CA LEU B 22 4.43 12.41 -7.04
C LEU B 22 4.82 13.86 -6.83
N SER B 23 4.99 14.25 -5.57
CA SER B 23 5.48 15.59 -5.27
C SER B 23 6.97 15.69 -5.58
N VAL B 24 7.44 16.93 -5.72
CA VAL B 24 8.85 17.15 -6.04
C VAL B 24 9.74 16.72 -4.88
N GLU B 25 9.27 16.91 -3.64
CA GLU B 25 10.07 16.56 -2.47
C GLU B 25 10.06 15.07 -2.16
N SER B 26 9.14 14.30 -2.74
CA SER B 26 8.96 12.90 -2.35
C SER B 26 10.18 12.08 -2.73
N THR B 27 10.73 11.37 -1.74
CA THR B 27 11.90 10.53 -1.96
C THR B 27 11.50 9.18 -2.54
N GLY B 28 12.49 8.46 -3.07
CA GLY B 28 12.24 7.13 -3.59
C GLY B 28 11.83 6.14 -2.52
N GLN B 29 12.34 6.32 -1.29
CA GLN B 29 11.95 5.45 -0.19
C GLN B 29 10.45 5.56 0.10
N GLU B 30 9.88 6.76 -0.04
CA GLU B 30 8.47 6.95 0.24
C GLU B 30 7.60 6.22 -0.77
N SER B 31 8.02 6.18 -2.03
CA SER B 31 7.28 5.43 -3.04
C SER B 31 7.39 3.93 -2.79
N LEU B 32 8.59 3.46 -2.43
CA LEU B 32 8.77 2.04 -2.15
C LEU B 32 7.95 1.61 -0.93
N GLU B 33 7.85 2.48 0.07
CA GLU B 33 7.00 2.18 1.22
C GLU B 33 5.52 2.21 0.83
N ALA B 34 5.16 3.11 -0.09
CA ALA B 34 3.78 3.14 -0.58
C ALA B 34 3.45 1.88 -1.37
N VAL B 35 4.41 1.39 -2.16
CA VAL B 35 4.19 0.16 -2.92
C VAL B 35 4.07 -1.04 -1.97
N ALA B 36 4.88 -1.07 -0.92
CA ALA B 36 4.80 -2.17 0.05
C ALA B 36 3.44 -2.21 0.73
N GLN B 37 2.82 -1.06 0.95
CA GLN B 37 1.48 -1.03 1.55
C GLN B 37 0.48 -1.76 0.66
N ARG B 38 0.47 -1.45 -0.64
CA ARG B 38 -0.48 -2.08 -1.55
C ARG B 38 -0.19 -3.57 -1.72
N LEU B 39 1.08 -3.97 -1.67
CA LEU B 39 1.45 -5.37 -1.84
C LEU B 39 1.31 -6.18 -0.55
N GLU B 40 0.86 -5.57 0.55
CA GLU B 40 0.86 -6.20 1.87
C GLU B 40 2.25 -6.64 2.30
N LEU B 41 3.29 -6.08 1.67
CA LEU B 41 4.65 -6.50 1.90
C LEU B 41 5.20 -5.86 3.17
N ARG B 42 5.86 -6.67 4.00
CA ARG B 42 6.40 -6.22 5.28
C ARG B 42 7.91 -6.07 5.29
N GLU B 43 8.64 -7.02 4.73
CA GLU B 43 10.11 -6.95 4.67
C GLU B 43 10.49 -6.17 3.42
N VAL B 44 10.44 -4.84 3.54
CA VAL B 44 10.73 -3.94 2.42
C VAL B 44 12.22 -3.72 2.23
N THR B 45 13.07 -4.33 3.05
CA THR B 45 14.50 -4.06 2.99
C THR B 45 15.18 -4.72 1.79
N TYR B 46 14.69 -5.88 1.35
CA TYR B 46 15.33 -6.60 0.25
C TYR B 46 15.05 -5.98 -1.11
N PHE B 47 14.14 -5.02 -1.20
CA PHE B 47 13.62 -4.54 -2.48
C PHE B 47 13.99 -3.07 -2.69
N SER B 48 13.72 -2.60 -3.91
CA SER B 48 13.94 -1.21 -4.31
C SER B 48 13.26 -1.01 -5.65
N LEU B 49 13.51 0.14 -6.29
CA LEU B 49 12.93 0.48 -7.57
C LEU B 49 14.05 0.86 -8.54
N TRP B 50 13.78 0.68 -9.83
CA TRP B 50 14.78 0.97 -10.85
C TRP B 50 14.07 1.44 -12.13
N TYR B 51 14.83 2.12 -12.98
CA TYR B 51 14.31 2.70 -14.21
C TYR B 51 15.34 2.54 -15.33
N TYR B 52 14.87 2.69 -16.56
CA TYR B 52 15.75 2.74 -17.72
C TYR B 52 16.31 4.15 -17.86
N ASN B 53 17.63 4.28 -17.81
CA ASN B 53 18.25 5.59 -17.89
C ASN B 53 18.44 5.97 -19.37
N LYS B 54 19.21 7.02 -19.62
CA LYS B 54 19.40 7.50 -20.99
C LYS B 54 20.08 6.44 -21.86
N GLN B 55 20.86 5.56 -21.26
CA GLN B 55 21.53 4.47 -21.96
C GLN B 55 20.75 3.17 -21.86
N ASN B 56 19.50 3.22 -21.40
CA ASN B 56 18.68 2.02 -21.20
C ASN B 56 19.39 1.00 -20.30
N GLN B 57 20.06 1.50 -19.28
CA GLN B 57 20.75 0.67 -18.30
C GLN B 57 20.00 0.73 -16.98
N ARG B 58 19.80 -0.43 -16.36
CA ARG B 58 18.98 -0.54 -15.16
C ARG B 58 19.70 0.10 -13.98
N ARG B 59 19.37 1.35 -13.70
CA ARG B 59 19.91 2.08 -12.55
C ARG B 59 18.88 2.10 -11.44
N TRP B 60 19.23 1.52 -10.29
CA TRP B 60 18.36 1.58 -9.13
C TRP B 60 18.23 3.01 -8.64
N VAL B 61 17.03 3.38 -8.21
CA VAL B 61 16.81 4.75 -7.73
C VAL B 61 17.55 4.96 -6.41
N ASP B 62 17.82 6.23 -6.11
CA ASP B 62 18.38 6.61 -4.81
C ASP B 62 17.20 6.78 -3.86
N LEU B 63 17.01 5.79 -2.99
CA LEU B 63 15.86 5.80 -2.09
C LEU B 63 15.87 7.00 -1.15
N GLU B 64 17.05 7.54 -0.85
CA GLU B 64 17.17 8.66 0.07
C GLU B 64 17.07 10.01 -0.62
N LYS B 65 17.13 10.05 -1.96
CA LYS B 65 17.00 11.28 -2.72
C LYS B 65 15.65 11.34 -3.43
N PRO B 66 15.12 12.54 -3.69
CA PRO B 66 13.80 12.64 -4.32
C PRO B 66 13.74 11.94 -5.67
N LEU B 67 12.64 11.22 -5.89
CA LEU B 67 12.48 10.44 -7.11
C LEU B 67 12.05 11.29 -8.30
N LYS B 68 11.33 12.39 -8.04
CA LYS B 68 10.86 13.24 -9.14
C LYS B 68 12.02 13.78 -9.98
N LYS B 69 13.09 14.22 -9.31
CA LYS B 69 14.23 14.77 -10.04
C LYS B 69 14.99 13.70 -10.81
N GLN B 70 15.02 12.47 -10.30
CA GLN B 70 15.81 11.43 -10.93
C GLN B 70 15.24 11.04 -12.29
N LEU B 71 13.92 10.91 -12.40
CA LEU B 71 13.31 10.50 -13.66
C LEU B 71 13.34 11.62 -14.69
N ASP B 72 13.26 12.86 -14.22
CA ASP B 72 13.37 14.00 -15.16
C ASP B 72 14.79 14.03 -15.70
N LYS B 73 15.79 14.15 -14.82
CA LYS B 73 17.20 14.27 -15.26
C LYS B 73 17.79 13.01 -15.92
N TYR B 74 17.53 11.82 -15.38
CA TYR B 74 18.25 10.62 -15.89
C TYR B 74 17.34 9.49 -16.42
N ALA B 75 16.13 9.75 -16.89
CA ALA B 75 15.34 8.59 -17.39
C ALA B 75 14.63 8.90 -18.70
N LEU B 76 14.41 7.87 -19.54
CA LEU B 76 13.67 8.05 -20.78
C LEU B 76 12.25 8.52 -20.50
N GLU B 77 11.47 7.68 -19.83
CA GLU B 77 10.08 7.95 -19.47
C GLU B 77 9.91 7.86 -17.96
N PRO B 78 8.91 8.53 -17.39
CA PRO B 78 8.71 8.48 -15.93
C PRO B 78 8.06 7.17 -15.49
N THR B 79 8.78 6.06 -15.68
CA THR B 79 8.29 4.74 -15.30
C THR B 79 9.41 3.98 -14.62
N VAL B 80 9.23 3.66 -13.34
CA VAL B 80 10.17 2.84 -12.62
C VAL B 80 9.60 1.43 -12.50
N TYR B 81 10.45 0.48 -12.13
CA TYR B 81 10.07 -0.92 -12.02
C TYR B 81 10.40 -1.44 -10.64
N PHE B 82 9.49 -2.24 -10.08
CA PHE B 82 9.72 -2.87 -8.78
C PHE B 82 10.58 -4.12 -8.95
N GLY B 83 11.56 -4.28 -8.06
CA GLY B 83 12.45 -5.41 -8.17
C GLY B 83 13.23 -5.64 -6.89
N VAL B 84 14.03 -6.70 -6.91
CA VAL B 84 14.86 -7.09 -5.77
C VAL B 84 16.26 -6.52 -5.96
N VAL B 85 16.67 -5.64 -5.05
CA VAL B 85 18.02 -5.09 -5.09
C VAL B 85 19.00 -5.96 -4.31
N PHE B 86 18.53 -6.69 -3.30
CA PHE B 86 19.37 -7.49 -2.43
C PHE B 86 18.94 -8.95 -2.53
N TYR B 87 19.68 -9.74 -3.31
CA TYR B 87 19.42 -11.17 -3.42
C TYR B 87 20.08 -11.89 -2.26
N VAL B 88 19.28 -12.63 -1.48
CA VAL B 88 19.79 -13.32 -0.31
C VAL B 88 20.44 -14.63 -0.72
N PRO B 89 21.49 -15.07 -0.01
CA PRO B 89 22.06 -16.39 -0.32
C PRO B 89 21.09 -17.52 -0.01
N SER B 90 20.49 -17.46 1.18
CA SER B 90 19.49 -18.44 1.60
C SER B 90 18.10 -17.84 1.42
N VAL B 91 17.33 -18.40 0.49
CA VAL B 91 15.91 -18.04 0.38
C VAL B 91 15.10 -18.61 1.53
N SER B 92 15.68 -19.54 2.30
CA SER B 92 15.08 -19.95 3.56
C SER B 92 15.05 -18.82 4.57
N GLN B 93 15.94 -17.82 4.42
CA GLN B 93 15.96 -16.68 5.33
C GLN B 93 14.65 -15.93 5.32
N LEU B 94 14.03 -15.78 4.15
CA LEU B 94 12.77 -15.07 4.05
C LEU B 94 11.69 -15.79 4.83
N GLN B 95 11.10 -15.11 5.81
CA GLN B 95 10.14 -15.71 6.72
C GLN B 95 8.70 -15.36 6.39
N GLN B 96 8.40 -14.07 6.16
CA GLN B 96 7.03 -13.66 5.92
C GLN B 96 6.54 -14.18 4.58
N GLU B 97 5.25 -14.53 4.54
CA GLU B 97 4.69 -15.22 3.38
C GLU B 97 4.71 -14.34 2.14
N ILE B 98 4.24 -13.10 2.26
CA ILE B 98 4.13 -12.24 1.08
C ILE B 98 5.50 -11.80 0.59
N THR B 99 6.47 -11.67 1.50
CA THR B 99 7.84 -11.40 1.09
C THR B 99 8.38 -12.51 0.19
N ARG B 100 7.90 -13.74 0.38
CA ARG B 100 8.34 -14.86 -0.42
C ARG B 100 7.71 -14.86 -1.81
N TYR B 101 6.43 -14.48 -1.89
CA TYR B 101 5.74 -14.48 -3.17
C TYR B 101 6.33 -13.45 -4.12
N GLN B 102 6.66 -12.25 -3.61
CA GLN B 102 7.31 -11.25 -4.45
C GLN B 102 8.70 -11.69 -4.86
N TYR B 103 9.43 -12.35 -3.95
CA TYR B 103 10.70 -12.98 -4.33
C TYR B 103 10.49 -14.03 -5.41
N TYR B 104 9.42 -14.81 -5.30
CA TYR B 104 9.12 -15.81 -6.32
C TYR B 104 8.87 -15.16 -7.68
N LEU B 105 8.17 -14.02 -7.68
CA LEU B 105 7.90 -13.34 -8.95
C LEU B 105 9.18 -12.79 -9.57
N GLN B 106 10.08 -12.25 -8.75
CA GLN B 106 11.33 -11.72 -9.27
C GLN B 106 12.23 -12.84 -9.78
N LEU B 107 12.29 -13.95 -9.06
CA LEU B 107 13.14 -15.06 -9.49
C LEU B 107 12.60 -15.70 -10.76
N LYS B 108 11.27 -15.78 -10.89
CA LYS B 108 10.67 -16.29 -12.12
C LYS B 108 10.96 -15.36 -13.29
N LYS B 109 10.89 -14.05 -13.07
CA LYS B 109 11.16 -13.09 -14.12
C LYS B 109 12.63 -13.13 -14.55
N ASP B 110 13.53 -13.51 -13.64
CA ASP B 110 14.94 -13.63 -13.99
C ASP B 110 15.18 -14.84 -14.89
N ILE B 111 14.36 -15.88 -14.75
CA ILE B 111 14.49 -17.06 -15.61
C ILE B 111 13.83 -16.82 -16.96
N LEU B 112 12.61 -16.31 -16.96
CA LEU B 112 11.85 -16.16 -18.20
C LEU B 112 12.47 -15.13 -19.13
N GLU B 113 13.12 -14.10 -18.59
CA GLU B 113 13.72 -13.06 -19.41
C GLU B 113 15.20 -13.28 -19.68
N GLY B 114 15.82 -14.25 -19.04
CA GLY B 114 17.18 -14.64 -19.37
C GLY B 114 18.29 -14.03 -18.55
N SER B 115 17.97 -13.33 -17.46
CA SER B 115 19.02 -12.84 -16.57
C SER B 115 19.82 -13.98 -15.98
N ILE B 116 19.13 -15.06 -15.61
CA ILE B 116 19.78 -16.28 -15.13
C ILE B 116 19.65 -17.33 -16.23
N PRO B 117 20.72 -17.62 -16.97
CA PRO B 117 20.62 -18.59 -18.06
C PRO B 117 20.43 -20.00 -17.53
N CYS B 118 19.48 -20.72 -18.12
CA CYS B 118 19.22 -22.11 -17.77
C CYS B 118 19.20 -22.95 -19.03
N THR B 119 19.60 -24.21 -18.90
CA THR B 119 19.63 -25.12 -20.04
C THR B 119 18.21 -25.51 -20.44
N LEU B 120 18.13 -26.34 -21.48
CA LEU B 120 16.82 -26.82 -21.94
C LEU B 120 16.11 -27.59 -20.84
N GLU B 121 16.83 -28.52 -20.18
CA GLU B 121 16.20 -29.36 -19.17
C GLU B 121 15.84 -28.55 -17.92
N GLN B 122 16.73 -27.64 -17.50
CA GLN B 122 16.44 -26.82 -16.33
C GLN B 122 15.22 -25.94 -16.57
N ALA B 123 15.10 -25.38 -17.78
CA ALA B 123 13.92 -24.60 -18.11
C ALA B 123 12.65 -25.43 -18.12
N ILE B 124 12.77 -26.75 -18.33
CA ILE B 124 11.60 -27.62 -18.33
C ILE B 124 11.14 -27.90 -16.91
N GLN B 125 12.07 -28.33 -16.05
CA GLN B 125 11.70 -28.66 -14.67
C GLN B 125 11.24 -27.43 -13.90
N LEU B 126 11.74 -26.25 -14.26
CA LEU B 126 11.30 -25.02 -13.59
C LEU B 126 9.84 -24.73 -13.89
N ALA B 127 9.44 -24.84 -15.15
CA ALA B 127 8.07 -24.52 -15.55
C ALA B 127 7.05 -25.44 -14.88
N GLY B 128 7.46 -26.65 -14.47
CA GLY B 128 6.52 -27.54 -13.82
C GLY B 128 6.09 -27.03 -12.45
N LEU B 129 7.06 -26.66 -11.62
CA LEU B 129 6.74 -26.10 -10.31
C LEU B 129 6.03 -24.76 -10.44
N ALA B 130 6.29 -24.03 -11.52
CA ALA B 130 5.61 -22.75 -11.73
C ALA B 130 4.12 -22.94 -11.98
N VAL B 131 3.76 -23.92 -12.80
CA VAL B 131 2.36 -24.15 -13.13
C VAL B 131 1.56 -24.55 -11.88
N GLN B 132 2.13 -25.41 -11.05
CA GLN B 132 1.44 -25.85 -9.84
C GLN B 132 1.22 -24.71 -8.85
N ALA B 133 1.94 -23.60 -9.00
CA ALA B 133 1.75 -22.41 -8.18
C ALA B 133 1.06 -21.28 -8.93
N ASP B 134 1.36 -21.09 -10.21
CA ASP B 134 0.70 -20.06 -11.00
C ASP B 134 -0.75 -20.43 -11.27
N PHE B 135 -0.98 -21.64 -11.76
CA PHE B 135 -2.32 -22.11 -12.10
C PHE B 135 -2.95 -22.94 -10.98
N GLY B 136 -2.23 -23.91 -10.45
CA GLY B 136 -2.68 -24.70 -9.33
C GLY B 136 -2.93 -26.15 -9.71
N ASP B 137 -3.47 -26.90 -8.75
CA ASP B 137 -3.86 -28.29 -8.99
C ASP B 137 -5.07 -28.29 -9.90
N PHE B 138 -4.90 -28.78 -11.14
CA PHE B 138 -5.84 -28.52 -12.21
C PHE B 138 -7.23 -29.09 -11.90
N ASP B 139 -8.25 -28.29 -12.19
CA ASP B 139 -9.62 -28.79 -12.16
C ASP B 139 -9.82 -29.87 -13.22
N GLN B 140 -9.01 -29.84 -14.27
CA GLN B 140 -9.09 -30.85 -15.35
C GLN B 140 -8.36 -32.12 -14.91
N PHE B 146 -4.53 -24.94 -21.42
CA PHE B 146 -4.32 -24.29 -20.10
C PHE B 146 -2.85 -23.87 -19.97
N LEU B 147 -1.95 -24.53 -20.71
CA LEU B 147 -0.55 -24.15 -20.69
C LEU B 147 -0.13 -23.31 -21.89
N GLN B 148 -0.86 -23.38 -23.00
CA GLN B 148 -0.63 -22.48 -24.11
C GLN B 148 -0.97 -21.04 -23.77
N LYS B 149 -1.66 -20.81 -22.65
CA LYS B 149 -2.19 -19.49 -22.33
C LYS B 149 -1.08 -18.46 -22.21
N PHE B 150 -0.19 -18.64 -21.25
CA PHE B 150 0.81 -17.65 -20.88
C PHE B 150 2.21 -18.21 -21.11
N ALA B 151 3.24 -17.40 -20.87
CA ALA B 151 4.63 -17.83 -21.19
C ALA B 151 5.22 -18.66 -20.05
N LEU B 152 5.66 -19.89 -20.35
CA LEU B 152 6.25 -20.77 -19.31
C LEU B 152 7.73 -21.07 -19.61
N PHE B 153 8.30 -20.49 -20.66
CA PHE B 153 9.70 -20.88 -21.02
C PHE B 153 10.59 -19.65 -21.29
N PRO B 154 11.95 -19.66 -21.16
CA PRO B 154 12.75 -18.48 -21.55
C PRO B 154 12.75 -18.27 -23.06
N VAL B 155 13.52 -17.29 -23.53
CA VAL B 155 13.52 -16.93 -24.95
C VAL B 155 14.00 -18.11 -25.79
N GLY B 156 15.21 -18.58 -25.53
CA GLY B 156 15.77 -19.70 -26.26
C GLY B 156 16.96 -19.35 -27.12
N GLN B 159 11.38 -19.93 -30.93
CA GLN B 159 11.91 -21.28 -30.89
C GLN B 159 11.19 -22.13 -31.94
N ASP B 160 11.76 -23.28 -32.24
CA ASP B 160 11.18 -24.17 -33.23
C ASP B 160 9.81 -24.65 -32.74
N GLU B 161 8.86 -24.72 -33.67
CA GLU B 161 7.47 -25.00 -33.30
C GLU B 161 7.31 -26.39 -32.70
N LYS B 162 8.07 -27.37 -33.18
CA LYS B 162 7.90 -28.74 -32.74
C LYS B 162 8.74 -29.08 -31.51
N VAL B 163 9.74 -28.25 -31.17
CA VAL B 163 10.38 -28.38 -29.87
C VAL B 163 9.50 -27.77 -28.79
N LEU B 164 8.74 -26.73 -29.14
CA LEU B 164 7.78 -26.16 -28.20
C LEU B 164 6.70 -27.17 -27.84
N GLU B 165 6.28 -28.00 -28.80
CA GLU B 165 5.27 -29.02 -28.52
C GLU B 165 5.83 -30.13 -27.65
N GLU B 166 7.09 -30.50 -27.87
CA GLU B 166 7.71 -31.57 -27.09
C GLU B 166 7.89 -31.15 -25.63
N ALA B 167 8.41 -29.94 -25.40
CA ALA B 167 8.69 -29.49 -24.04
C ALA B 167 7.40 -29.21 -23.26
N THR B 168 6.37 -28.70 -23.94
CA THR B 168 5.13 -28.38 -23.24
C THR B 168 4.44 -29.64 -22.71
N GLN B 169 4.58 -30.76 -23.41
CA GLN B 169 4.07 -32.02 -22.88
C GLN B 169 4.96 -32.59 -21.79
N LYS B 170 6.28 -32.33 -21.85
CA LYS B 170 7.16 -32.71 -20.75
C LYS B 170 6.79 -31.96 -19.48
N VAL B 171 6.38 -30.69 -19.61
CA VAL B 171 5.89 -29.95 -18.46
C VAL B 171 4.52 -30.46 -18.05
N ALA B 172 3.70 -30.86 -19.03
CA ALA B 172 2.35 -31.34 -18.78
C ALA B 172 2.31 -32.75 -18.19
N LEU B 173 3.46 -33.41 -18.03
CA LEU B 173 3.53 -34.71 -17.35
C LEU B 173 4.18 -34.62 -15.98
N LEU B 174 5.18 -33.76 -15.82
CA LEU B 174 5.66 -33.40 -14.49
C LEU B 174 4.65 -32.53 -13.75
N HIS B 175 3.60 -32.09 -14.43
CA HIS B 175 2.52 -31.35 -13.78
C HIS B 175 1.72 -32.24 -12.84
N GLN B 176 1.46 -33.49 -13.24
CA GLN B 176 0.69 -34.39 -12.38
C GLN B 176 1.52 -34.93 -11.22
N LYS B 177 2.83 -35.10 -11.41
CA LYS B 177 3.66 -35.58 -10.30
C LYS B 177 3.62 -34.61 -9.13
N TYR B 178 3.62 -33.30 -9.41
CA TYR B 178 3.41 -32.29 -8.39
C TYR B 178 1.92 -32.02 -8.30
N ARG B 179 1.23 -32.79 -7.48
CA ARG B 179 -0.20 -32.64 -7.27
C ARG B 179 -0.51 -32.79 -5.79
N GLY B 180 -1.44 -31.99 -5.30
CA GLY B 180 -1.79 -32.00 -3.90
C GLY B 180 -0.88 -31.19 -3.00
N LEU B 181 0.19 -30.60 -3.54
CA LEU B 181 1.07 -29.77 -2.75
C LEU B 181 0.66 -28.31 -2.87
N THR B 182 0.89 -27.56 -1.80
CA THR B 182 0.47 -26.16 -1.74
C THR B 182 1.27 -25.32 -2.73
N ALA B 183 0.60 -24.33 -3.33
CA ALA B 183 1.30 -23.38 -4.18
C ALA B 183 2.39 -22.61 -3.45
N PRO B 184 2.24 -22.22 -2.17
CA PRO B 184 3.39 -21.65 -1.46
C PRO B 184 4.61 -22.56 -1.41
N ASP B 185 4.40 -23.88 -1.39
CA ASP B 185 5.54 -24.80 -1.36
C ASP B 185 6.11 -25.03 -2.76
N ALA B 186 5.28 -24.98 -3.79
CA ALA B 186 5.81 -25.01 -5.16
C ALA B 186 6.67 -23.78 -5.43
N GLU B 187 6.31 -22.64 -4.84
CA GLU B 187 7.11 -21.43 -4.99
C GLU B 187 8.45 -21.57 -4.28
N MET B 188 8.45 -22.19 -3.11
CA MET B 188 9.70 -22.41 -2.38
C MET B 188 10.64 -23.32 -3.14
N LEU B 189 10.17 -24.50 -3.54
CA LEU B 189 11.00 -25.43 -4.29
C LEU B 189 11.45 -24.83 -5.62
N TYR B 190 10.61 -23.97 -6.21
CA TYR B 190 11.01 -23.27 -7.44
C TYR B 190 12.18 -22.32 -7.17
N MET B 191 12.14 -21.62 -6.04
CA MET B 191 13.20 -20.66 -5.73
C MET B 191 14.49 -21.37 -5.35
N GLN B 192 14.41 -22.36 -4.45
CA GLN B 192 15.61 -23.01 -3.93
C GLN B 192 16.32 -23.87 -4.98
N GLU B 193 15.86 -23.88 -6.23
CA GLU B 193 16.63 -24.40 -7.36
C GLU B 193 17.31 -23.28 -8.14
N VAL B 194 16.58 -22.21 -8.44
CA VAL B 194 17.19 -21.00 -8.99
C VAL B 194 18.18 -20.41 -7.99
N GLU B 195 17.90 -20.59 -6.70
CA GLU B 195 18.81 -20.13 -5.64
C GLU B 195 20.23 -20.64 -5.81
N ARG B 196 20.39 -21.82 -6.43
CA ARG B 196 21.67 -22.50 -6.48
C ARG B 196 22.33 -22.45 -7.85
N MET B 197 21.78 -21.69 -8.79
CA MET B 197 22.31 -21.62 -10.14
C MET B 197 23.41 -20.57 -10.24
N ASP B 198 24.21 -20.67 -11.30
CA ASP B 198 25.22 -19.67 -11.59
C ASP B 198 24.58 -18.45 -12.22
N GLY B 199 25.15 -17.28 -11.92
CA GLY B 199 24.55 -16.03 -12.32
C GLY B 199 23.32 -15.62 -11.53
N TYR B 200 22.96 -16.39 -10.50
CA TYR B 200 21.81 -16.07 -9.68
C TYR B 200 22.09 -14.85 -8.81
N GLY B 201 21.24 -13.83 -8.92
CA GLY B 201 21.43 -12.63 -8.13
C GLY B 201 22.69 -11.86 -8.46
N GLU B 202 23.13 -11.90 -9.72
CA GLU B 202 24.34 -11.23 -10.17
C GLU B 202 23.98 -10.19 -11.21
N GLU B 203 24.46 -8.96 -11.01
CA GLU B 203 24.19 -7.85 -11.91
C GLU B 203 25.51 -7.36 -12.50
N SER B 204 25.59 -7.34 -13.83
CA SER B 204 26.80 -6.97 -14.54
C SER B 204 26.68 -5.56 -15.11
N TYR B 205 27.78 -4.81 -15.06
CA TYR B 205 27.83 -3.46 -15.60
C TYR B 205 29.00 -3.37 -16.58
N PRO B 206 28.78 -2.80 -17.78
CA PRO B 206 29.89 -2.68 -18.74
C PRO B 206 30.99 -1.78 -18.21
N ALA B 207 32.23 -2.13 -18.56
CA ALA B 207 33.40 -1.37 -18.16
C ALA B 207 34.58 -1.84 -18.99
N LYS B 208 35.70 -1.12 -18.88
CA LYS B 208 36.95 -1.49 -19.52
C LYS B 208 37.96 -1.94 -18.47
N ASP B 209 38.87 -2.81 -18.87
CA ASP B 209 39.89 -3.33 -17.98
C ASP B 209 41.08 -2.36 -17.98
N SER B 210 42.12 -2.70 -17.20
CA SER B 210 43.33 -1.89 -17.19
C SER B 210 44.10 -1.97 -18.50
N GLN B 211 43.73 -2.89 -19.40
CA GLN B 211 44.32 -2.98 -20.73
C GLN B 211 43.42 -2.40 -21.80
N GLY B 212 42.27 -1.84 -21.43
CA GLY B 212 41.30 -1.37 -22.40
C GLY B 212 40.36 -2.43 -22.92
N SER B 213 40.57 -3.70 -22.58
CA SER B 213 39.67 -4.76 -22.99
C SER B 213 38.35 -4.64 -22.25
N ASP B 214 37.25 -4.62 -23.00
CA ASP B 214 35.94 -4.46 -22.38
C ASP B 214 35.54 -5.70 -21.58
N ILE B 215 34.79 -5.46 -20.51
CA ILE B 215 34.45 -6.49 -19.54
C ILE B 215 33.09 -6.21 -18.92
N SER B 216 32.77 -6.96 -17.86
CA SER B 216 31.51 -6.73 -17.10
C SER B 216 31.83 -6.83 -15.60
N ILE B 217 31.51 -5.79 -14.82
CA ILE B 217 31.89 -5.78 -13.37
C ILE B 217 30.62 -5.71 -12.52
N GLY B 218 30.65 -6.31 -11.33
CA GLY B 218 29.48 -6.27 -10.43
C GLY B 218 29.82 -6.74 -9.04
N ALA B 219 28.85 -6.74 -8.13
CA ALA B 219 29.09 -7.23 -6.75
C ALA B 219 28.33 -8.53 -6.49
N CYS B 220 29.04 -9.66 -6.41
CA CYS B 220 28.39 -10.95 -6.05
C CYS B 220 28.46 -11.17 -4.54
N LEU B 221 27.82 -12.23 -4.04
CA LEU B 221 27.76 -12.47 -2.57
C LEU B 221 29.17 -12.64 -2.00
N GLU B 222 30.02 -13.40 -2.69
CA GLU B 222 31.42 -13.63 -2.22
C GLU B 222 32.19 -12.31 -2.23
N GLY B 223 32.00 -11.50 -3.28
CA GLY B 223 32.74 -10.23 -3.40
C GLY B 223 32.67 -9.67 -4.80
N ILE B 224 33.52 -8.70 -5.13
CA ILE B 224 33.46 -8.04 -6.47
C ILE B 224 33.94 -9.01 -7.54
N PHE B 225 33.03 -9.37 -8.46
CA PHE B 225 33.36 -10.32 -9.55
C PHE B 225 33.66 -9.53 -10.83
N VAL B 226 34.72 -9.92 -11.53
CA VAL B 226 35.02 -9.28 -12.84
C VAL B 226 34.97 -10.39 -13.89
N LYS B 227 33.96 -10.40 -14.74
CA LYS B 227 33.93 -11.41 -15.82
C LYS B 227 34.40 -10.72 -17.11
N HIS B 228 35.07 -11.47 -18.00
CA HIS B 228 35.63 -10.83 -19.18
C HIS B 228 34.84 -11.26 -20.42
N LYS B 229 34.58 -10.29 -21.31
CA LYS B 229 33.87 -10.60 -22.55
C LYS B 229 34.72 -11.46 -23.48
N ASN B 230 36.04 -11.25 -23.49
CA ASN B 230 36.93 -12.07 -24.32
C ASN B 230 37.08 -13.50 -23.83
N GLY B 231 36.35 -13.90 -22.79
CA GLY B 231 36.39 -15.26 -22.32
C GLY B 231 37.33 -15.52 -21.17
N ARG B 232 38.10 -14.52 -20.73
CA ARG B 232 39.06 -14.72 -19.66
C ARG B 232 38.34 -15.08 -18.37
N HIS B 233 39.00 -15.93 -17.58
CA HIS B 233 38.41 -16.48 -16.38
C HIS B 233 37.97 -15.38 -15.43
N PRO B 234 36.73 -15.42 -14.94
CA PRO B 234 36.24 -14.34 -14.06
C PRO B 234 36.91 -14.39 -12.69
N VAL B 235 37.45 -13.25 -12.27
CA VAL B 235 38.08 -13.11 -10.97
C VAL B 235 37.03 -12.65 -9.97
N VAL B 236 37.14 -13.14 -8.73
CA VAL B 236 36.22 -12.80 -7.66
C VAL B 236 37.06 -12.34 -6.47
N PHE B 237 37.18 -11.02 -6.30
CA PHE B 237 38.00 -10.45 -5.20
C PHE B 237 37.27 -10.66 -3.86
N ASP B 241 39.20 -9.79 1.84
CA ASP B 241 40.49 -9.42 1.20
C ASP B 241 40.42 -7.97 0.75
N ILE B 242 39.27 -7.54 0.24
CA ILE B 242 39.10 -6.11 -0.18
C ILE B 242 39.21 -5.23 1.06
N ALA B 243 40.22 -4.35 1.10
CA ALA B 243 40.31 -3.42 2.23
C ALA B 243 39.17 -2.42 2.21
N ASN B 244 38.87 -1.85 1.04
CA ASN B 244 37.76 -0.92 0.89
C ASN B 244 37.50 -0.72 -0.61
N MET B 245 36.46 0.05 -0.90
CA MET B 245 36.08 0.41 -2.26
C MET B 245 36.10 1.93 -2.41
N SER B 246 36.51 2.40 -3.58
CA SER B 246 36.63 3.83 -3.82
C SER B 246 36.30 4.13 -5.27
N HIS B 247 36.12 5.42 -5.56
CA HIS B 247 35.73 5.88 -6.89
C HIS B 247 36.42 7.20 -7.18
N ASN B 248 37.00 7.31 -8.38
CA ASN B 248 37.75 8.52 -8.77
C ASN B 248 37.57 8.76 -10.25
N LYS B 249 37.07 9.95 -10.60
CA LYS B 249 36.89 10.38 -12.00
C LYS B 249 35.98 9.36 -12.67
N SER B 250 36.34 8.86 -13.86
CA SER B 250 35.56 7.83 -14.53
C SER B 250 35.94 6.41 -14.09
N PHE B 251 36.80 6.29 -13.07
CA PHE B 251 37.32 5.01 -12.63
C PHE B 251 36.57 4.51 -11.39
N PHE B 252 36.81 3.24 -11.05
CA PHE B 252 36.27 2.61 -9.85
C PHE B 252 37.29 1.60 -9.37
N ALA B 253 37.72 1.72 -8.12
CA ALA B 253 38.89 1.01 -7.63
C ALA B 253 38.62 0.29 -6.33
N LEU B 254 39.20 -0.90 -6.19
CA LEU B 254 39.24 -1.65 -4.94
C LEU B 254 40.65 -1.59 -4.37
N GLU B 255 40.76 -1.82 -3.06
CA GLU B 255 42.03 -1.80 -2.36
C GLU B 255 42.28 -3.16 -1.70
N LEU B 256 43.54 -3.59 -1.72
CA LEU B 256 43.96 -4.79 -1.00
C LEU B 256 45.11 -4.49 -0.06
N THR B 262 46.11 -3.36 -5.19
CA THR B 262 45.10 -2.33 -5.41
C THR B 262 44.78 -2.22 -6.90
N ILE B 263 43.51 -2.41 -7.24
CA ILE B 263 43.06 -2.55 -8.62
C ILE B 263 42.08 -1.42 -8.93
N GLN B 264 41.93 -1.12 -10.22
CA GLN B 264 41.00 -0.09 -10.66
C GLN B 264 40.45 -0.44 -12.05
N PHE B 265 39.17 -0.15 -12.25
CA PHE B 265 38.52 -0.27 -13.54
C PHE B 265 38.02 1.10 -13.99
N GLN B 266 37.71 1.22 -15.28
CA GLN B 266 37.18 2.44 -15.85
C GLN B 266 35.82 2.18 -16.48
N THR B 267 34.94 3.17 -16.40
CA THR B 267 33.56 3.08 -16.88
C THR B 267 33.30 4.12 -17.97
N GLU B 268 32.02 4.28 -18.30
CA GLU B 268 31.63 5.18 -19.38
C GLU B 268 31.86 6.64 -19.01
N ASP B 269 31.33 7.06 -17.86
CA ASP B 269 31.49 8.43 -17.41
C ASP B 269 31.48 8.45 -15.89
N MET B 270 31.70 9.63 -15.33
CA MET B 270 31.81 9.75 -13.87
C MET B 270 30.48 9.49 -13.18
N GLU B 271 29.36 9.73 -13.87
CA GLU B 271 28.06 9.36 -13.33
C GLU B 271 27.97 7.85 -13.08
N THR B 272 28.38 7.06 -14.07
CA THR B 272 28.19 5.61 -13.99
C THR B 272 29.02 5.00 -12.87
N ALA B 273 30.25 5.47 -12.69
CA ALA B 273 31.15 4.84 -11.73
C ALA B 273 30.74 5.15 -10.29
N LYS B 274 30.43 6.41 -10.00
CA LYS B 274 29.97 6.77 -8.66
C LYS B 274 28.69 6.03 -8.30
N TYR B 275 27.85 5.74 -9.31
CA TYR B 275 26.66 4.94 -9.09
C TYR B 275 27.02 3.54 -8.60
N ILE B 276 28.05 2.94 -9.19
CA ILE B 276 28.42 1.57 -8.86
C ILE B 276 29.01 1.48 -7.45
N TRP B 277 29.73 2.52 -7.02
CA TRP B 277 30.30 2.53 -5.68
C TRP B 277 29.21 2.41 -4.61
N ARG B 278 28.07 3.06 -4.83
CA ARG B 278 26.98 3.01 -3.86
C ARG B 278 26.45 1.59 -3.71
N LEU B 279 26.13 0.93 -4.83
CA LEU B 279 25.54 -0.40 -4.77
C LEU B 279 26.51 -1.41 -4.17
N CYS B 280 27.78 -1.32 -4.54
CA CYS B 280 28.77 -2.26 -4.01
C CYS B 280 28.86 -2.15 -2.50
N VAL B 281 29.06 -0.93 -1.98
CA VAL B 281 29.08 -0.73 -0.53
C VAL B 281 27.71 -1.05 0.07
N ALA B 282 26.64 -0.82 -0.67
CA ALA B 282 25.31 -1.21 -0.20
C ALA B 282 25.21 -2.72 -0.06
N ARG B 283 25.54 -3.46 -1.13
CA ARG B 283 25.52 -4.90 -1.06
C ARG B 283 26.56 -5.42 -0.07
N HIS B 284 27.70 -4.75 0.04
CA HIS B 284 28.70 -5.12 1.04
C HIS B 284 28.14 -4.93 2.45
N LYS B 285 27.40 -3.84 2.66
CA LYS B 285 26.76 -3.62 3.95
C LYS B 285 25.65 -4.64 4.20
N PHE B 286 24.88 -4.97 3.16
CA PHE B 286 23.78 -5.92 3.31
C PHE B 286 24.30 -7.32 3.63
N TYR B 287 25.44 -7.71 3.05
CA TYR B 287 25.93 -9.06 3.24
C TYR B 287 26.65 -9.22 4.57
N ARG B 288 27.35 -8.17 5.03
CA ARG B 288 28.07 -8.25 6.29
C ARG B 288 27.11 -8.26 7.49
N LEU B 289 25.86 -7.89 7.29
CA LEU B 289 24.84 -7.98 8.33
C LEU B 289 24.12 -9.32 8.36
N ASN B 290 24.30 -10.14 7.33
CA ASN B 290 23.43 -11.28 7.10
C ASN B 290 23.96 -12.57 7.70
CL CL C . -23.16 13.11 7.08
#